data_5YRQ
#
_entry.id   5YRQ
#
_cell.length_a   58.589
_cell.length_b   49.280
_cell.length_c   103.074
_cell.angle_alpha   90.00
_cell.angle_beta   92.20
_cell.angle_gamma   90.00
#
_symmetry.space_group_name_H-M   'P 1 21 1'
#
loop_
_entity.id
_entity.type
_entity.pdbx_description
1 polymer 'DNA repair protein RAD5,DNA repair protein REV1'
2 water water
#
_entity_poly.entity_id   1
_entity_poly.type   'polypeptide(L)'
_entity_poly.pdbx_seq_one_letter_code
;AHMEQEERKRFFNDDLDTSGGSSSSLVPRGSGGSGGSPKFQNLTRFKKICQLVKQWVAETLGDGGPHEKDVKLFVKYLIK
LCDSNRVHLVLHLSNLISRELNLCAFLNQDHSGFQTWERILLNDIIPLLNRNKHTYQTVRKLDMDFEV
;
_entity_poly.pdbx_strand_id   A,B,D,E
#
# COMPACT_ATOMS: atom_id res chain seq x y z
N ARG A 8 22.86 26.17 -23.33
CA ARG A 8 22.82 24.78 -22.88
C ARG A 8 21.92 23.97 -23.83
N LYS A 9 22.45 22.89 -24.38
CA LYS A 9 21.67 22.16 -25.38
C LYS A 9 20.67 21.22 -24.69
N ARG A 10 19.64 20.83 -25.45
CA ARG A 10 18.68 19.84 -24.99
C ARG A 10 19.24 18.45 -25.24
N PHE A 11 19.13 17.59 -24.24
CA PHE A 11 19.51 16.19 -24.39
C PHE A 11 18.33 15.29 -24.78
N PHE A 12 17.12 15.64 -24.33
CA PHE A 12 15.91 14.88 -24.63
C PHE A 12 15.05 15.62 -25.66
N ASN A 13 14.17 14.85 -26.30
CA ASN A 13 13.25 15.34 -27.34
C ASN A 13 11.85 15.40 -26.72
N ASP A 14 11.31 16.61 -26.57
CA ASP A 14 10.01 16.78 -25.92
C ASP A 14 8.86 16.13 -26.66
N ASP A 15 9.02 15.86 -27.95
CA ASP A 15 7.89 15.40 -28.75
C ASP A 15 7.68 13.89 -28.67
N LEU A 16 8.56 13.14 -28.01
CA LEU A 16 8.44 11.69 -28.00
C LEU A 16 7.45 11.20 -26.94
N ASP A 17 7.31 11.90 -25.82
CA ASP A 17 6.44 11.47 -24.73
C ASP A 17 5.15 12.28 -24.75
N THR A 18 4.03 11.58 -24.55
CA THR A 18 2.74 12.25 -24.37
C THR A 18 2.79 13.10 -23.10
N SER A 19 2.21 14.29 -23.18
CA SER A 19 2.29 15.27 -22.11
C SER A 19 0.93 15.57 -21.48
N GLY A 36 1.15 -1.93 -18.14
CA GLY A 36 2.51 -1.86 -18.66
C GLY A 36 3.23 -0.58 -18.30
N SER A 37 4.58 -0.59 -18.36
CA SER A 37 5.31 0.57 -17.85
C SER A 37 5.25 1.72 -18.86
N PRO A 38 5.18 2.97 -18.37
CA PRO A 38 5.17 4.12 -19.28
C PRO A 38 6.46 4.23 -20.08
N LYS A 39 6.33 4.75 -21.30
CA LYS A 39 7.50 4.93 -22.15
C LYS A 39 8.21 6.20 -21.76
N PHE A 40 9.53 6.20 -21.95
CA PHE A 40 10.33 7.41 -21.84
C PHE A 40 11.17 7.53 -23.10
N GLN A 41 11.02 8.66 -23.79
CA GLN A 41 11.78 8.93 -25.01
C GLN A 41 11.66 7.77 -26.01
N ASN A 42 10.44 7.24 -26.14
CA ASN A 42 10.11 6.15 -27.05
C ASN A 42 10.76 4.82 -26.68
N LEU A 43 11.30 4.69 -25.47
CA LEU A 43 11.86 3.44 -25.00
C LEU A 43 10.88 2.77 -24.04
N THR A 44 10.78 1.44 -24.12
CA THR A 44 9.93 0.68 -23.21
C THR A 44 10.72 -0.22 -22.28
N ARG A 45 11.86 -0.72 -22.74
CA ARG A 45 12.72 -1.58 -21.94
C ARG A 45 13.34 -0.77 -20.80
N PHE A 46 13.23 -1.27 -19.56
CA PHE A 46 13.73 -0.47 -18.44
C PHE A 46 15.26 -0.37 -18.47
N LYS A 47 15.96 -1.42 -18.93
CA LYS A 47 17.42 -1.30 -18.99
C LYS A 47 17.84 -0.25 -20.02
N LYS A 48 17.06 -0.07 -21.10
CA LYS A 48 17.39 0.97 -22.08
C LYS A 48 17.11 2.36 -21.52
N ILE A 49 16.04 2.51 -20.76
CA ILE A 49 15.78 3.77 -20.09
C ILE A 49 16.92 4.10 -19.13
N CYS A 50 17.34 3.12 -18.33
CA CYS A 50 18.45 3.34 -17.41
C CYS A 50 19.72 3.75 -18.14
N GLN A 51 20.01 3.07 -19.26
CA GLN A 51 21.18 3.39 -20.06
C GLN A 51 21.13 4.83 -20.58
N LEU A 52 19.95 5.26 -21.02
CA LEU A 52 19.79 6.64 -21.50
C LEU A 52 20.02 7.63 -20.37
N VAL A 53 19.49 7.33 -19.18
CA VAL A 53 19.65 8.23 -18.04
C VAL A 53 21.13 8.31 -17.65
N LYS A 54 21.83 7.17 -17.67
CA LYS A 54 23.27 7.13 -17.42
C LYS A 54 24.02 8.05 -18.37
N GLN A 55 23.70 7.98 -19.67
CA GLN A 55 24.35 8.86 -20.64
C GLN A 55 24.06 10.32 -20.34
N TRP A 56 22.80 10.66 -20.07
CA TRP A 56 22.40 12.05 -19.81
C TRP A 56 23.24 12.65 -18.69
N VAL A 57 23.23 12.00 -17.53
CA VAL A 57 24.02 12.46 -16.38
C VAL A 57 25.48 12.63 -16.77
N ALA A 58 26.06 11.59 -17.38
CA ALA A 58 27.49 11.60 -17.69
C ALA A 58 27.87 12.70 -18.67
N GLU A 59 27.03 12.97 -19.66
CA GLU A 59 27.37 13.98 -20.67
C GLU A 59 27.09 15.40 -20.21
N THR A 60 26.24 15.59 -19.20
CA THR A 60 25.91 16.95 -18.77
C THR A 60 26.72 17.41 -17.55
N LEU A 61 27.37 16.49 -16.83
CA LEU A 61 28.22 16.92 -15.72
C LEU A 61 29.24 17.93 -16.20
N GLY A 62 29.83 17.68 -17.37
CA GLY A 62 30.85 18.57 -17.90
C GLY A 62 30.32 19.88 -18.42
N ASP A 63 29.00 20.03 -18.55
CA ASP A 63 28.42 21.32 -18.88
C ASP A 63 27.93 22.05 -17.64
N GLY A 64 28.17 21.50 -16.46
CA GLY A 64 27.64 22.12 -15.26
C GLY A 64 26.27 21.65 -14.85
N GLY A 65 25.77 20.56 -15.44
CA GLY A 65 24.44 20.10 -15.13
C GLY A 65 23.53 20.12 -16.34
N PRO A 66 22.35 19.53 -16.19
CA PRO A 66 21.47 19.34 -17.34
C PRO A 66 20.63 20.58 -17.64
N HIS A 67 19.99 20.55 -18.80
CA HIS A 67 19.05 21.61 -19.16
C HIS A 67 17.78 21.45 -18.33
N GLU A 68 17.28 22.59 -17.79
CA GLU A 68 16.11 22.66 -16.93
C GLU A 68 14.90 21.94 -17.50
N LYS A 69 14.74 22.02 -18.82
CA LYS A 69 13.62 21.39 -19.50
C LYS A 69 13.79 19.88 -19.60
N ASP A 70 15.02 19.38 -19.71
CA ASP A 70 15.22 17.95 -19.68
C ASP A 70 14.85 17.38 -18.31
N VAL A 71 15.22 18.10 -17.23
CA VAL A 71 14.81 17.73 -15.88
C VAL A 71 13.28 17.69 -15.77
N LYS A 72 12.61 18.72 -16.28
CA LYS A 72 11.15 18.76 -16.18
C LYS A 72 10.54 17.59 -16.93
N LEU A 73 11.09 17.26 -18.11
CA LEU A 73 10.58 16.14 -18.90
C LEU A 73 10.79 14.81 -18.18
N PHE A 74 11.95 14.64 -17.56
CA PHE A 74 12.23 13.43 -16.80
C PHE A 74 11.32 13.30 -15.58
N VAL A 75 11.10 14.41 -14.87
CA VAL A 75 10.14 14.43 -13.74
C VAL A 75 8.75 13.97 -14.20
N LYS A 76 8.31 14.44 -15.37
CA LYS A 76 7.00 14.03 -15.84
C LYS A 76 6.96 12.52 -16.09
N TYR A 77 8.06 11.94 -16.56
CA TYR A 77 8.12 10.49 -16.69
C TYR A 77 8.10 9.82 -15.32
N LEU A 78 8.89 10.34 -14.38
CA LEU A 78 8.90 9.76 -13.04
C LEU A 78 7.53 9.80 -12.39
N ILE A 79 6.77 10.87 -12.64
CA ILE A 79 5.43 10.96 -12.06
C ILE A 79 4.50 9.90 -12.66
N LYS A 80 4.66 9.61 -13.97
CA LYS A 80 3.90 8.51 -14.56
C LYS A 80 4.24 7.19 -13.90
N LEU A 81 5.51 7.00 -13.55
CA LEU A 81 5.91 5.81 -12.81
C LEU A 81 5.21 5.77 -11.46
N CYS A 82 5.23 6.89 -10.74
CA CYS A 82 4.60 6.96 -9.43
C CYS A 82 3.12 6.60 -9.52
N ASP A 83 2.43 7.13 -10.54
CA ASP A 83 0.98 6.92 -10.64
C ASP A 83 0.63 5.59 -11.29
N SER A 84 1.62 4.79 -11.68
CA SER A 84 1.38 3.45 -12.22
C SER A 84 1.93 2.37 -11.30
N ASN A 85 2.00 2.66 -10.00
CA ASN A 85 2.46 1.73 -8.97
C ASN A 85 3.89 1.25 -9.22
N ARG A 86 4.73 2.10 -9.79
CA ARG A 86 6.12 1.74 -10.06
C ARG A 86 7.09 2.67 -9.33
N VAL A 87 6.81 2.98 -8.07
CA VAL A 87 7.74 3.80 -7.29
C VAL A 87 9.10 3.15 -7.18
N HIS A 88 9.14 1.81 -7.16
CA HIS A 88 10.41 1.09 -7.07
C HIS A 88 11.30 1.32 -8.29
N LEU A 89 10.71 1.68 -9.44
CA LEU A 89 11.51 2.06 -10.59
C LEU A 89 12.02 3.49 -10.44
N VAL A 90 11.22 4.39 -9.84
CA VAL A 90 11.75 5.71 -9.46
C VAL A 90 12.90 5.54 -8.48
N LEU A 91 12.74 4.63 -7.53
CA LEU A 91 13.81 4.37 -6.58
C LEU A 91 15.09 3.92 -7.26
N HIS A 92 14.99 2.99 -8.23
CA HIS A 92 16.18 2.49 -8.91
C HIS A 92 16.86 3.59 -9.72
N LEU A 93 16.08 4.35 -10.51
CA LEU A 93 16.65 5.46 -11.29
C LEU A 93 17.31 6.49 -10.38
N SER A 94 16.68 6.79 -9.24
CA SER A 94 17.24 7.77 -8.32
C SER A 94 18.62 7.32 -7.83
N ASN A 95 18.72 6.05 -7.44
CA ASN A 95 19.98 5.53 -6.93
C ASN A 95 21.00 5.42 -8.06
N LEU A 96 20.53 5.16 -9.28
CA LEU A 96 21.39 5.15 -10.46
C LEU A 96 22.08 6.50 -10.64
N ILE A 97 21.28 7.57 -10.70
CA ILE A 97 21.83 8.93 -10.75
C ILE A 97 22.72 9.21 -9.54
N SER A 98 22.26 8.86 -8.34
CA SER A 98 23.04 9.11 -7.12
C SER A 98 24.45 8.51 -7.21
N ARG A 99 24.53 7.24 -7.61
CA ARG A 99 25.82 6.54 -7.65
C ARG A 99 26.74 7.11 -8.72
N GLU A 100 26.17 7.51 -9.85
CA GLU A 100 26.97 8.12 -10.91
C GLU A 100 27.65 9.41 -10.43
N LEU A 101 27.07 10.07 -9.42
CA LEU A 101 27.72 11.27 -8.90
C LEU A 101 28.94 10.96 -8.03
N ASN A 102 29.24 9.68 -7.78
CA ASN A 102 30.49 9.30 -7.13
C ASN A 102 31.69 9.44 -8.04
N LEU A 103 31.51 9.86 -9.28
CA LEU A 103 32.56 9.87 -10.29
C LEU A 103 33.35 11.18 -10.30
N CYS A 104 33.36 11.91 -9.18
CA CYS A 104 33.97 13.25 -9.15
C CYS A 104 35.47 13.22 -9.42
N ALA A 105 36.16 12.12 -9.10
CA ALA A 105 37.60 12.05 -9.37
C ALA A 105 37.94 11.67 -10.81
N PHE A 106 36.94 11.36 -11.64
CA PHE A 106 37.21 10.90 -12.99
C PHE A 106 36.74 11.84 -14.09
N LEU A 107 35.69 12.63 -13.87
CA LEU A 107 35.12 13.40 -14.97
C LEU A 107 35.32 14.89 -14.69
N ASN A 108 35.57 15.63 -15.76
CA ASN A 108 35.60 17.08 -15.64
C ASN A 108 34.22 17.62 -15.30
N GLN A 109 34.22 18.77 -14.64
CA GLN A 109 33.01 19.54 -14.37
C GLN A 109 33.35 21.02 -14.45
N ASP A 110 32.60 21.72 -15.27
CA ASP A 110 32.55 23.17 -15.31
C ASP A 110 31.22 23.59 -14.73
N HIS A 111 31.14 24.82 -14.21
CA HIS A 111 29.90 25.28 -13.56
C HIS A 111 29.44 24.34 -12.45
N SER A 112 30.35 23.53 -11.88
CA SER A 112 30.05 22.67 -10.72
C SER A 112 28.94 21.66 -11.03
N GLY A 113 29.17 20.86 -12.07
CA GLY A 113 28.17 19.91 -12.51
C GLY A 113 27.77 18.87 -11.47
N PHE A 114 28.73 18.42 -10.65
CA PHE A 114 28.39 17.40 -9.67
C PHE A 114 27.47 17.95 -8.58
N GLN A 115 27.80 19.13 -8.05
CA GLN A 115 26.92 19.77 -7.09
C GLN A 115 25.53 20.03 -7.70
N THR A 116 25.52 20.53 -8.93
CA THR A 116 24.26 20.86 -9.59
C THR A 116 23.38 19.63 -9.75
N TRP A 117 23.96 18.52 -10.22
CA TRP A 117 23.19 17.29 -10.30
C TRP A 117 22.72 16.83 -8.94
N GLU A 118 23.55 16.98 -7.90
CA GLU A 118 23.11 16.49 -6.61
C GLU A 118 21.95 17.32 -6.07
N ARG A 119 21.97 18.64 -6.29
CA ARG A 119 20.81 19.46 -5.94
C ARG A 119 19.55 18.97 -6.65
N ILE A 120 19.67 18.71 -7.95
CA ILE A 120 18.52 18.24 -8.74
C ILE A 120 18.01 16.91 -8.18
N LEU A 121 18.93 15.98 -7.89
CA LEU A 121 18.56 14.72 -7.28
C LEU A 121 17.77 14.93 -6.00
N LEU A 122 18.31 15.76 -5.10
CA LEU A 122 17.70 15.90 -3.78
C LEU A 122 16.42 16.71 -3.82
N ASN A 123 16.26 17.58 -4.82
CA ASN A 123 15.16 18.54 -4.82
C ASN A 123 14.07 18.22 -5.83
N ASP A 124 14.42 17.67 -6.99
CA ASP A 124 13.46 17.38 -8.05
C ASP A 124 13.10 15.92 -8.16
N ILE A 125 14.00 15.01 -7.79
CA ILE A 125 13.82 13.59 -8.06
C ILE A 125 13.42 12.83 -6.80
N ILE A 126 14.30 12.78 -5.80
CA ILE A 126 14.04 12.05 -4.57
C ILE A 126 12.70 12.40 -3.92
N PRO A 127 12.24 13.66 -3.94
CA PRO A 127 10.94 13.95 -3.30
C PRO A 127 9.76 13.25 -3.96
N LEU A 128 9.91 12.79 -5.20
CA LEU A 128 8.84 12.03 -5.84
C LEU A 128 8.63 10.66 -5.20
N LEU A 129 9.61 10.15 -4.44
CA LEU A 129 9.43 8.87 -3.78
C LEU A 129 8.33 8.90 -2.73
N ASN A 130 7.95 10.09 -2.25
CA ASN A 130 6.93 10.20 -1.24
C ASN A 130 5.71 10.99 -1.73
N ARG A 131 5.62 11.20 -3.05
CA ARG A 131 4.44 11.82 -3.66
C ARG A 131 3.17 11.07 -3.28
N ASN A 132 3.20 9.75 -3.38
CA ASN A 132 2.04 8.90 -3.09
C ASN A 132 2.28 8.10 -1.82
N LYS A 133 1.29 8.10 -0.92
CA LYS A 133 1.37 7.29 0.28
C LYS A 133 0.88 5.88 0.01
N HIS A 134 1.41 4.94 0.80
CA HIS A 134 0.98 3.55 0.77
C HIS A 134 0.36 3.15 2.11
N THR A 135 -0.01 4.14 2.92
CA THR A 135 -0.81 3.95 4.11
C THR A 135 -1.80 5.11 4.16
N TYR A 136 -3.01 4.85 4.66
CA TYR A 136 -4.08 5.81 4.48
C TYR A 136 -4.64 6.31 5.80
N GLN A 137 -3.81 6.30 6.85
CA GLN A 137 -4.22 6.87 8.13
C GLN A 137 -4.55 8.36 8.01
N THR A 138 -3.79 9.11 7.22
CA THR A 138 -4.07 10.54 7.11
C THR A 138 -5.36 10.80 6.35
N VAL A 139 -5.65 9.97 5.34
CA VAL A 139 -6.92 10.04 4.61
C VAL A 139 -8.11 9.79 5.54
N ARG A 140 -8.08 8.70 6.32
CA ARG A 140 -9.18 8.46 7.25
C ARG A 140 -9.33 9.64 8.22
N LYS A 141 -8.22 10.19 8.68
CA LYS A 141 -8.29 11.31 9.62
C LYS A 141 -8.89 12.56 8.98
N LEU A 142 -8.44 12.89 7.77
CA LEU A 142 -8.92 14.07 7.07
C LEU A 142 -10.43 14.01 6.88
N ASP A 143 -10.94 12.86 6.42
CA ASP A 143 -12.38 12.68 6.22
C ASP A 143 -13.14 12.84 7.53
N MET A 144 -12.62 12.26 8.60
CA MET A 144 -13.28 12.38 9.90
C MET A 144 -13.26 13.81 10.41
N ASP A 145 -12.11 14.50 10.32
CA ASP A 145 -12.05 15.89 10.74
C ASP A 145 -13.02 16.75 9.93
N PHE A 146 -13.20 16.43 8.64
CA PHE A 146 -14.17 17.17 7.85
C PHE A 146 -15.60 16.75 8.17
N GLU A 147 -15.80 15.57 8.75
CA GLU A 147 -17.16 15.11 9.06
C GLU A 147 -17.74 15.84 10.27
N VAL A 148 -16.93 16.11 11.28
CA VAL A 148 -17.47 16.68 12.52
C VAL A 148 -17.98 18.11 12.28
N ALA B 1 22.50 -14.77 11.83
CA ALA B 1 21.23 -15.44 12.11
C ALA B 1 21.35 -16.39 13.30
N HIS B 2 20.42 -16.26 14.25
CA HIS B 2 20.44 -17.05 15.48
C HIS B 2 19.03 -17.08 16.07
N MET B 3 18.81 -18.05 16.94
CA MET B 3 17.51 -18.31 17.52
C MET B 3 17.43 -17.65 18.89
N GLU B 4 16.29 -17.02 19.18
CA GLU B 4 16.10 -16.35 20.46
C GLU B 4 14.73 -16.69 21.01
N GLN B 5 14.67 -16.91 22.32
CA GLN B 5 13.42 -17.23 22.97
C GLN B 5 12.75 -15.95 23.43
N GLU B 6 11.43 -15.89 23.27
CA GLU B 6 10.71 -14.72 23.76
C GLU B 6 9.31 -15.12 24.17
N GLU B 7 8.67 -14.21 24.90
CA GLU B 7 7.28 -14.34 25.30
C GLU B 7 6.46 -13.40 24.45
N ARG B 8 5.36 -13.91 23.90
CA ARG B 8 4.52 -13.10 23.04
C ARG B 8 3.07 -13.33 23.38
N LYS B 9 2.29 -12.27 23.25
CA LYS B 9 0.87 -12.30 23.58
C LYS B 9 0.12 -12.99 22.45
N ARG B 10 -0.72 -13.95 22.81
CA ARG B 10 -1.58 -14.65 21.85
C ARG B 10 -3.02 -14.37 22.26
N PHE B 11 -3.84 -14.03 21.28
CA PHE B 11 -5.23 -13.72 21.55
C PHE B 11 -6.15 -14.90 21.30
N PHE B 12 -5.71 -15.86 20.51
CA PHE B 12 -6.52 -17.02 20.18
C PHE B 12 -5.78 -18.29 20.58
N ASN B 13 -6.56 -19.36 20.66
CA ASN B 13 -6.08 -20.67 21.07
C ASN B 13 -5.97 -21.54 19.83
N ASP B 14 -4.88 -22.29 19.73
CA ASP B 14 -4.67 -23.06 18.50
C ASP B 14 -5.69 -24.18 18.35
N ASP B 15 -6.34 -24.61 19.42
CA ASP B 15 -7.52 -25.48 19.32
C ASP B 15 -8.49 -25.25 20.48
N SER B 37 -22.52 -20.09 10.82
CA SER B 37 -22.47 -21.55 10.71
C SER B 37 -21.10 -22.11 11.15
N PRO B 38 -19.99 -21.75 10.49
CA PRO B 38 -18.69 -22.18 11.03
C PRO B 38 -18.44 -21.51 12.36
N LYS B 39 -17.80 -22.26 13.26
CA LYS B 39 -17.45 -21.70 14.56
C LYS B 39 -16.09 -21.03 14.49
N PHE B 40 -15.89 -20.06 15.38
CA PHE B 40 -14.59 -19.42 15.59
C PHE B 40 -14.31 -19.42 17.07
N GLN B 41 -13.21 -20.05 17.48
CA GLN B 41 -12.78 -20.06 18.88
C GLN B 41 -13.90 -20.53 19.80
N ASN B 42 -14.56 -21.62 19.42
CA ASN B 42 -15.67 -22.23 20.16
C ASN B 42 -16.89 -21.34 20.25
N LEU B 43 -17.07 -20.41 19.33
CA LEU B 43 -18.19 -19.49 19.34
C LEU B 43 -19.07 -19.75 18.12
N THR B 44 -20.39 -19.80 18.35
CA THR B 44 -21.36 -19.94 17.27
C THR B 44 -22.10 -18.66 16.97
N ARG B 45 -22.38 -17.84 17.98
CA ARG B 45 -23.13 -16.60 17.78
C ARG B 45 -22.24 -15.55 17.12
N PHE B 46 -22.66 -15.08 15.94
CA PHE B 46 -21.85 -14.16 15.16
C PHE B 46 -21.63 -12.85 15.92
N LYS B 47 -22.62 -12.41 16.70
CA LYS B 47 -22.42 -11.20 17.50
C LYS B 47 -21.28 -11.37 18.50
N LYS B 48 -21.15 -12.57 19.08
CA LYS B 48 -20.03 -12.81 19.99
C LYS B 48 -18.71 -12.97 19.22
N ILE B 49 -18.77 -13.47 17.99
CA ILE B 49 -17.57 -13.50 17.16
C ILE B 49 -17.13 -12.08 16.83
N CYS B 50 -18.07 -11.22 16.45
CA CYS B 50 -17.75 -9.83 16.15
C CYS B 50 -17.19 -9.10 17.36
N GLN B 51 -17.82 -9.30 18.53
CA GLN B 51 -17.30 -8.72 19.76
C GLN B 51 -15.86 -9.12 19.99
N LEU B 52 -15.54 -10.40 19.75
CA LEU B 52 -14.20 -10.91 19.99
C LEU B 52 -13.18 -10.30 19.03
N VAL B 53 -13.53 -10.23 17.74
CA VAL B 53 -12.62 -9.65 16.76
C VAL B 53 -12.34 -8.20 17.09
N LYS B 54 -13.37 -7.45 17.48
CA LYS B 54 -13.22 -6.05 17.81
C LYS B 54 -12.26 -5.86 18.98
N GLN B 55 -12.41 -6.66 20.04
CA GLN B 55 -11.47 -6.58 21.16
C GLN B 55 -10.05 -6.89 20.69
N TRP B 56 -9.90 -7.88 19.80
CA TRP B 56 -8.59 -8.30 19.29
C TRP B 56 -7.89 -7.15 18.57
N VAL B 57 -8.59 -6.49 17.64
CA VAL B 57 -8.00 -5.35 16.94
C VAL B 57 -7.63 -4.25 17.92
N ALA B 58 -8.58 -3.87 18.78
CA ALA B 58 -8.38 -2.73 19.66
C ALA B 58 -7.19 -2.95 20.60
N GLU B 59 -7.04 -4.16 21.12
CA GLU B 59 -5.95 -4.41 22.06
C GLU B 59 -4.60 -4.52 21.36
N THR B 60 -4.55 -5.12 20.17
CA THR B 60 -3.28 -5.36 19.51
C THR B 60 -2.77 -4.14 18.73
N LEU B 61 -3.66 -3.21 18.35
CA LEU B 61 -3.21 -1.95 17.76
C LEU B 61 -2.10 -1.32 18.59
N GLY B 62 -2.29 -1.26 19.91
CA GLY B 62 -1.30 -0.70 20.81
C GLY B 62 -0.02 -1.49 20.93
N ASP B 63 0.03 -2.70 20.39
CA ASP B 63 1.24 -3.51 20.40
C ASP B 63 2.08 -3.38 19.13
N GLY B 64 1.59 -2.65 18.15
CA GLY B 64 2.19 -2.68 16.83
C GLY B 64 1.60 -3.72 15.89
N GLY B 65 0.57 -4.45 16.31
CA GLY B 65 -0.09 -5.39 15.44
C GLY B 65 -0.35 -6.71 16.12
N PRO B 66 -1.06 -7.60 15.44
CA PRO B 66 -1.42 -8.88 16.03
C PRO B 66 -0.36 -9.95 15.73
N HIS B 67 -0.50 -11.08 16.42
CA HIS B 67 0.39 -12.20 16.26
C HIS B 67 0.05 -12.95 14.98
N GLU B 68 1.06 -13.25 14.16
CA GLU B 68 0.76 -13.88 12.87
C GLU B 68 0.02 -15.21 13.01
N LYS B 69 0.22 -15.94 14.11
CA LYS B 69 -0.55 -17.16 14.31
C LYS B 69 -2.03 -16.86 14.56
N ASP B 70 -2.33 -15.74 15.23
CA ASP B 70 -3.73 -15.37 15.41
C ASP B 70 -4.37 -14.96 14.10
N VAL B 71 -3.66 -14.19 13.27
CA VAL B 71 -4.17 -13.83 11.95
C VAL B 71 -4.46 -15.07 11.13
N LYS B 72 -3.58 -16.07 11.21
CA LYS B 72 -3.78 -17.28 10.44
C LYS B 72 -5.06 -17.99 10.87
N LEU B 73 -5.29 -18.10 12.17
CA LEU B 73 -6.53 -18.71 12.65
C LEU B 73 -7.75 -17.95 12.15
N PHE B 74 -7.70 -16.62 12.21
CA PHE B 74 -8.83 -15.80 11.78
C PHE B 74 -9.06 -15.93 10.27
N VAL B 75 -7.99 -15.95 9.48
CA VAL B 75 -8.12 -16.02 8.02
C VAL B 75 -8.73 -17.36 7.60
N LYS B 76 -8.31 -18.46 8.24
CA LYS B 76 -8.91 -19.74 7.90
C LYS B 76 -10.40 -19.74 8.22
N TYR B 77 -10.80 -19.08 9.31
CA TYR B 77 -12.23 -18.94 9.59
C TYR B 77 -12.93 -18.11 8.51
N LEU B 78 -12.31 -17.02 8.07
CA LEU B 78 -12.91 -16.23 7.00
C LEU B 78 -13.06 -17.06 5.73
N ILE B 79 -12.08 -17.94 5.47
CA ILE B 79 -12.15 -18.84 4.32
C ILE B 79 -13.36 -19.77 4.43
N LYS B 80 -13.61 -20.30 5.63
CA LYS B 80 -14.76 -21.18 5.82
C LYS B 80 -16.07 -20.45 5.56
N LEU B 81 -16.17 -19.20 6.00
CA LEU B 81 -17.33 -18.38 5.69
C LEU B 81 -17.49 -18.24 4.18
N CYS B 82 -16.40 -17.96 3.48
CA CYS B 82 -16.45 -17.85 2.02
C CYS B 82 -16.91 -19.15 1.38
N ASP B 83 -16.29 -20.27 1.79
CA ASP B 83 -16.61 -21.58 1.22
C ASP B 83 -18.02 -22.05 1.58
N SER B 84 -18.73 -21.32 2.44
CA SER B 84 -20.10 -21.64 2.81
C SER B 84 -21.08 -20.57 2.35
N ASN B 85 -20.70 -19.76 1.36
CA ASN B 85 -21.56 -18.73 0.78
C ASN B 85 -22.02 -17.73 1.85
N ARG B 86 -21.13 -17.41 2.78
CA ARG B 86 -21.38 -16.37 3.77
C ARG B 86 -20.43 -15.21 3.59
N VAL B 87 -20.25 -14.83 2.31
CA VAL B 87 -19.44 -13.67 1.93
C VAL B 87 -19.89 -12.43 2.71
N HIS B 88 -21.19 -12.29 2.94
CA HIS B 88 -21.67 -11.07 3.58
C HIS B 88 -21.16 -10.94 5.02
N LEU B 89 -20.90 -12.07 5.70
CA LEU B 89 -20.31 -12.03 7.03
C LEU B 89 -18.84 -11.59 6.97
N VAL B 90 -18.10 -12.07 5.98
CA VAL B 90 -16.73 -11.60 5.79
C VAL B 90 -16.73 -10.10 5.51
N LEU B 91 -17.65 -9.64 4.67
CA LEU B 91 -17.75 -8.21 4.40
C LEU B 91 -18.01 -7.44 5.69
N HIS B 92 -18.87 -7.98 6.55
CA HIS B 92 -19.20 -7.27 7.79
C HIS B 92 -18.01 -7.21 8.73
N LEU B 93 -17.33 -8.35 8.92
CA LEU B 93 -16.12 -8.37 9.75
C LEU B 93 -15.04 -7.48 9.15
N SER B 94 -14.95 -7.42 7.83
CA SER B 94 -13.96 -6.55 7.18
C SER B 94 -14.18 -5.10 7.59
N ASN B 95 -15.43 -4.63 7.50
CA ASN B 95 -15.74 -3.25 7.83
C ASN B 95 -15.57 -2.98 9.32
N LEU B 96 -15.94 -3.96 10.15
CA LEU B 96 -15.70 -3.87 11.59
C LEU B 96 -14.23 -3.59 11.87
N ILE B 97 -13.34 -4.37 11.26
CA ILE B 97 -11.91 -4.12 11.44
C ILE B 97 -11.54 -2.74 10.93
N SER B 98 -12.02 -2.40 9.73
CA SER B 98 -11.73 -1.09 9.16
C SER B 98 -12.14 0.04 10.09
N ARG B 99 -13.29 -0.07 10.74
CA ARG B 99 -13.72 1.06 11.55
C ARG B 99 -12.97 1.14 12.87
N GLU B 100 -12.42 0.02 13.34
CA GLU B 100 -11.46 0.10 14.44
C GLU B 100 -10.26 0.94 14.06
N LEU B 101 -9.84 0.89 12.79
CA LEU B 101 -8.69 1.68 12.37
C LEU B 101 -9.01 3.17 12.27
N ASN B 102 -10.29 3.54 12.13
CA ASN B 102 -10.64 4.95 12.13
C ASN B 102 -10.40 5.60 13.48
N LEU B 103 -10.58 4.84 14.56
CA LEU B 103 -10.26 5.34 15.89
C LEU B 103 -8.79 5.75 15.98
N CYS B 104 -7.88 4.92 15.46
CA CYS B 104 -6.48 5.30 15.38
C CYS B 104 -6.29 6.57 14.59
N ALA B 105 -6.85 6.60 13.37
CA ALA B 105 -6.71 7.78 12.52
C ALA B 105 -7.16 9.04 13.24
N PHE B 106 -8.37 8.98 13.80
CA PHE B 106 -8.98 10.18 14.39
C PHE B 106 -8.14 10.72 15.54
N LEU B 107 -7.66 9.84 16.41
CA LEU B 107 -6.87 10.23 17.57
C LEU B 107 -5.37 10.25 17.29
N ASN B 108 -4.96 10.02 16.04
CA ASN B 108 -3.56 10.04 15.61
C ASN B 108 -2.66 9.30 16.61
N GLN B 109 -2.91 8.01 16.70
CA GLN B 109 -2.21 7.16 17.66
C GLN B 109 -1.95 5.82 17.01
N ASP B 110 -0.99 5.09 17.58
CA ASP B 110 -0.77 3.67 17.26
C ASP B 110 -0.42 3.46 15.79
N HIS B 111 0.49 4.30 15.26
CA HIS B 111 0.73 4.29 13.81
C HIS B 111 1.31 2.96 13.34
N SER B 112 2.12 2.30 14.18
CA SER B 112 2.70 1.02 13.80
C SER B 112 1.63 -0.07 13.69
N GLY B 113 0.79 -0.19 14.72
CA GLY B 113 -0.28 -1.19 14.69
C GLY B 113 -1.32 -0.90 13.62
N PHE B 114 -1.60 0.38 13.38
CA PHE B 114 -2.47 0.74 12.25
C PHE B 114 -1.92 0.19 10.95
N GLN B 115 -0.65 0.45 10.66
CA GLN B 115 -0.10 0.05 9.36
C GLN B 115 -0.08 -1.47 9.23
N THR B 116 0.22 -2.17 10.31
CA THR B 116 0.20 -3.63 10.24
C THR B 116 -1.21 -4.16 10.04
N TRP B 117 -2.17 -3.62 10.81
CA TRP B 117 -3.56 -4.03 10.65
C TRP B 117 -4.10 -3.63 9.29
N GLU B 118 -3.65 -2.48 8.78
CA GLU B 118 -4.13 -2.00 7.49
C GLU B 118 -3.69 -2.94 6.39
N ARG B 119 -2.43 -3.39 6.43
CA ARG B 119 -1.94 -4.34 5.44
C ARG B 119 -2.72 -5.64 5.49
N ILE B 120 -3.01 -6.13 6.70
CA ILE B 120 -3.82 -7.33 6.86
C ILE B 120 -5.19 -7.13 6.22
N LEU B 121 -5.82 -5.99 6.50
CA LEU B 121 -7.13 -5.69 5.91
C LEU B 121 -7.07 -5.67 4.39
N LEU B 122 -6.10 -4.93 3.83
CA LEU B 122 -6.05 -4.70 2.40
C LEU B 122 -5.48 -5.91 1.62
N ASN B 123 -4.57 -6.66 2.22
CA ASN B 123 -3.89 -7.74 1.50
C ASN B 123 -4.36 -9.14 1.86
N ASP B 124 -4.78 -9.36 3.11
CA ASP B 124 -5.14 -10.70 3.57
C ASP B 124 -6.64 -10.92 3.67
N ILE B 125 -7.39 -9.88 3.97
CA ILE B 125 -8.81 -10.04 4.23
C ILE B 125 -9.62 -9.64 3.01
N ILE B 126 -9.45 -8.39 2.55
CA ILE B 126 -10.30 -7.90 1.46
C ILE B 126 -10.19 -8.75 0.21
N PRO B 127 -9.01 -9.26 -0.20
CA PRO B 127 -8.98 -10.13 -1.38
C PRO B 127 -9.89 -11.34 -1.28
N LEU B 128 -10.23 -11.80 -0.07
CA LEU B 128 -11.13 -12.95 0.06
C LEU B 128 -12.50 -12.65 -0.52
N LEU B 129 -12.90 -11.37 -0.52
CA LEU B 129 -14.24 -10.99 -0.97
C LEU B 129 -14.41 -11.13 -2.48
N ASN B 130 -13.33 -11.33 -3.23
CA ASN B 130 -13.40 -11.44 -4.69
C ASN B 130 -12.47 -12.53 -5.20
N THR B 138 -25.19 -15.66 -1.25
CA THR B 138 -26.51 -16.04 -1.73
C THR B 138 -27.09 -17.14 -0.85
N VAL B 139 -26.45 -17.35 0.30
CA VAL B 139 -27.08 -18.14 1.36
C VAL B 139 -28.35 -17.44 1.82
N ARG B 140 -28.34 -16.10 1.80
CA ARG B 140 -29.57 -15.33 1.99
C ARG B 140 -30.49 -15.45 0.79
N LYS B 141 -29.92 -15.53 -0.43
CA LYS B 141 -30.74 -15.49 -1.63
C LYS B 141 -31.74 -16.65 -1.66
N LEU B 142 -31.30 -17.85 -1.23
CA LEU B 142 -32.22 -18.98 -1.17
C LEU B 142 -33.39 -18.70 -0.23
N ASP B 143 -33.16 -17.99 0.87
CA ASP B 143 -34.26 -17.62 1.75
C ASP B 143 -35.05 -16.44 1.20
N MET B 144 -34.40 -15.55 0.45
CA MET B 144 -35.11 -14.45 -0.19
C MET B 144 -36.12 -14.94 -1.22
N ASP B 145 -35.85 -16.08 -1.86
CA ASP B 145 -36.76 -16.61 -2.88
C ASP B 145 -38.13 -16.94 -2.32
N PHE B 146 -38.23 -17.21 -1.01
CA PHE B 146 -39.52 -17.44 -0.36
C PHE B 146 -40.09 -16.08 0.01
N GLU B 147 -40.81 -15.49 -0.93
CA GLU B 147 -41.46 -14.21 -0.75
C GLU B 147 -42.86 -14.45 -0.19
N VAL B 148 -43.14 -13.87 0.99
CA VAL B 148 -44.51 -13.84 1.52
C VAL B 148 -44.84 -12.43 1.96
N ALA C 1 -6.78 -13.52 25.86
CA ALA C 1 -5.42 -13.07 25.62
C ALA C 1 -4.47 -13.64 26.67
N HIS C 2 -3.35 -14.21 26.23
CA HIS C 2 -2.46 -14.91 27.13
C HIS C 2 -1.06 -14.91 26.54
N MET C 3 -0.09 -15.21 27.40
CA MET C 3 1.33 -15.12 27.06
C MET C 3 1.83 -16.50 26.66
N GLU C 4 2.63 -16.55 25.60
CA GLU C 4 3.18 -17.82 25.15
C GLU C 4 4.65 -17.68 24.82
N GLN C 5 5.42 -18.70 25.13
CA GLN C 5 6.85 -18.73 24.83
C GLN C 5 7.05 -19.31 23.45
N GLU C 6 7.98 -18.73 22.70
CA GLU C 6 8.32 -19.24 21.39
C GLU C 6 9.78 -18.94 21.11
N GLU C 7 10.33 -19.62 20.11
CA GLU C 7 11.68 -19.37 19.60
C GLU C 7 11.57 -18.72 18.22
N ARG C 8 12.29 -17.63 18.02
CA ARG C 8 12.18 -16.89 16.78
C ARG C 8 13.56 -16.52 16.25
N LYS C 9 13.68 -16.48 14.93
CA LYS C 9 14.95 -16.20 14.29
C LYS C 9 15.22 -14.70 14.32
N ARG C 10 16.42 -14.34 14.75
CA ARG C 10 16.90 -12.96 14.80
C ARG C 10 18.18 -12.86 13.97
N PHE C 11 18.29 -11.79 13.19
CA PHE C 11 19.49 -11.55 12.38
C PHE C 11 20.46 -10.56 12.98
N PHE C 12 20.02 -9.71 13.91
CA PHE C 12 20.89 -8.70 14.49
C PHE C 12 20.90 -8.86 16.01
N ASN C 13 21.92 -8.26 16.62
CA ASN C 13 22.11 -8.32 18.06
C ASN C 13 21.74 -6.99 18.68
N ASP C 14 21.07 -7.05 19.83
CA ASP C 14 20.61 -5.84 20.48
C ASP C 14 21.77 -4.99 20.99
N ASP C 15 22.95 -5.57 21.15
CA ASP C 15 24.16 -4.80 21.42
C ASP C 15 25.41 -5.44 20.82
N GLY C 36 31.02 11.51 10.75
CA GLY C 36 31.63 10.22 10.45
C GLY C 36 30.60 9.12 10.27
N SER C 37 30.95 8.10 9.48
CA SER C 37 30.01 7.06 9.06
C SER C 37 29.54 6.22 10.23
N PRO C 38 28.26 6.26 10.58
CA PRO C 38 27.77 5.42 11.68
C PRO C 38 27.96 3.95 11.39
N LYS C 39 28.19 3.17 12.45
CA LYS C 39 28.30 1.73 12.34
C LYS C 39 26.93 1.08 12.41
N PHE C 40 26.87 -0.15 11.90
CA PHE C 40 25.69 -1.01 12.01
C PHE C 40 26.17 -2.41 12.34
N GLN C 41 25.71 -2.95 13.47
CA GLN C 41 26.13 -4.26 13.91
C GLN C 41 27.65 -4.33 13.97
N ASN C 42 28.26 -3.26 14.49
CA ASN C 42 29.70 -3.12 14.63
C ASN C 42 30.43 -3.33 13.31
N LEU C 43 29.82 -2.91 12.21
CA LEU C 43 30.45 -2.93 10.89
C LEU C 43 30.66 -1.49 10.42
N THR C 44 31.85 -1.24 9.86
CA THR C 44 32.21 0.08 9.34
C THR C 44 32.21 0.14 7.81
N ARG C 45 32.59 -0.94 7.12
CA ARG C 45 32.64 -0.93 5.66
C ARG C 45 31.23 -1.07 5.09
N PHE C 46 30.81 -0.07 4.31
CA PHE C 46 29.44 -0.02 3.80
C PHE C 46 29.14 -1.21 2.89
N LYS C 47 30.16 -1.74 2.18
CA LYS C 47 29.92 -2.92 1.37
C LYS C 47 29.58 -4.13 2.23
N LYS C 48 30.19 -4.24 3.41
CA LYS C 48 29.84 -5.32 4.33
C LYS C 48 28.45 -5.11 4.91
N ILE C 49 28.11 -3.86 5.21
CA ILE C 49 26.74 -3.56 5.66
C ILE C 49 25.73 -3.95 4.58
N CYS C 50 26.05 -3.64 3.32
CA CYS C 50 25.14 -3.99 2.22
C CYS C 50 24.97 -5.50 2.09
N GLN C 51 26.07 -6.25 2.10
CA GLN C 51 25.95 -7.71 1.96
C GLN C 51 25.17 -8.30 3.13
N LEU C 52 25.32 -7.73 4.32
CA LEU C 52 24.54 -8.19 5.47
C LEU C 52 23.05 -7.90 5.30
N VAL C 53 22.70 -6.72 4.78
CA VAL C 53 21.29 -6.42 4.58
C VAL C 53 20.70 -7.31 3.49
N LYS C 54 21.48 -7.57 2.43
CA LYS C 54 21.02 -8.41 1.33
C LYS C 54 20.64 -9.80 1.82
N GLN C 55 21.50 -10.44 2.60
CA GLN C 55 21.19 -11.78 3.06
C GLN C 55 20.10 -11.78 4.13
N TRP C 56 19.99 -10.71 4.93
CA TRP C 56 18.84 -10.58 5.83
C TRP C 56 17.52 -10.65 5.07
N VAL C 57 17.38 -9.83 4.02
CA VAL C 57 16.16 -9.86 3.21
C VAL C 57 15.96 -11.22 2.57
N ALA C 58 16.99 -11.70 1.86
CA ALA C 58 16.84 -12.94 1.11
C ALA C 58 16.48 -14.10 2.03
N GLU C 59 17.05 -14.13 3.24
CA GLU C 59 16.82 -15.26 4.13
C GLU C 59 15.54 -15.12 4.95
N THR C 60 14.97 -13.92 5.06
CA THR C 60 13.73 -13.77 5.83
C THR C 60 12.48 -13.73 4.97
N LEU C 61 12.60 -13.50 3.65
CA LEU C 61 11.44 -13.61 2.77
C LEU C 61 10.76 -14.96 2.92
N GLY C 62 11.55 -16.04 2.93
CA GLY C 62 11.00 -17.37 3.11
C GLY C 62 10.34 -17.61 4.45
N ASP C 63 10.60 -16.76 5.44
CA ASP C 63 9.97 -16.86 6.75
C ASP C 63 8.64 -16.14 6.84
N GLY C 64 8.26 -15.37 5.82
CA GLY C 64 7.13 -14.48 5.92
C GLY C 64 7.47 -13.08 6.36
N GLY C 65 8.74 -12.74 6.46
CA GLY C 65 9.13 -11.41 6.86
C GLY C 65 10.15 -11.42 7.98
N PRO C 66 10.71 -10.25 8.28
CA PRO C 66 11.74 -10.16 9.32
C PRO C 66 11.17 -9.97 10.72
N HIS C 67 12.05 -10.13 11.70
CA HIS C 67 11.68 -9.91 13.09
C HIS C 67 11.59 -8.41 13.35
N GLU C 68 10.51 -7.98 14.01
CA GLU C 68 10.30 -6.55 14.24
C GLU C 68 11.45 -5.91 15.01
N LYS C 69 12.13 -6.66 15.89
CA LYS C 69 13.28 -6.09 16.59
C LYS C 69 14.44 -5.84 15.63
N ASP C 70 14.60 -6.68 14.61
CA ASP C 70 15.66 -6.44 13.62
C ASP C 70 15.34 -5.23 12.76
N VAL C 71 14.07 -5.07 12.35
CA VAL C 71 13.69 -3.87 11.60
C VAL C 71 13.96 -2.62 12.43
N LYS C 72 13.64 -2.65 13.72
CA LYS C 72 13.80 -1.45 14.53
C LYS C 72 15.27 -1.05 14.62
N LEU C 73 16.16 -2.03 14.83
CA LEU C 73 17.59 -1.73 14.82
C LEU C 73 18.01 -1.12 13.49
N PHE C 74 17.54 -1.71 12.38
CA PHE C 74 17.96 -1.26 11.05
C PHE C 74 17.45 0.14 10.76
N VAL C 75 16.18 0.42 11.10
CA VAL C 75 15.62 1.76 10.92
C VAL C 75 16.39 2.79 11.75
N LYS C 76 16.75 2.44 12.99
CA LYS C 76 17.55 3.37 13.79
C LYS C 76 18.86 3.70 13.09
N TYR C 77 19.50 2.70 12.47
CA TYR C 77 20.74 2.96 11.74
C TYR C 77 20.50 3.86 10.53
N LEU C 78 19.39 3.64 9.82
CA LEU C 78 19.07 4.50 8.68
C LEU C 78 18.84 5.94 9.12
N ILE C 79 18.19 6.13 10.27
CA ILE C 79 17.98 7.49 10.79
C ILE C 79 19.31 8.17 11.06
N LYS C 80 20.26 7.44 11.65
CA LYS C 80 21.60 8.00 11.86
C LYS C 80 22.24 8.42 10.55
N LEU C 81 22.10 7.60 9.50
CA LEU C 81 22.62 7.97 8.19
C LEU C 81 21.97 9.28 7.72
N CYS C 82 20.65 9.38 7.88
CA CYS C 82 19.95 10.62 7.52
C CYS C 82 20.50 11.80 8.30
N ASP C 83 20.59 11.65 9.62
CA ASP C 83 21.06 12.75 10.46
C ASP C 83 22.51 13.11 10.16
N SER C 84 23.27 12.23 9.52
CA SER C 84 24.67 12.48 9.20
C SER C 84 24.86 12.99 7.78
N ASN C 85 23.78 13.42 7.12
CA ASN C 85 23.81 13.87 5.73
C ASN C 85 24.33 12.77 4.80
N ARG C 86 23.97 11.53 5.09
CA ARG C 86 24.22 10.41 4.19
C ARG C 86 22.94 9.85 3.62
N VAL C 87 22.03 10.71 3.14
CA VAL C 87 20.79 10.20 2.58
C VAL C 87 21.07 9.30 1.38
N HIS C 88 22.16 9.57 0.65
CA HIS C 88 22.46 8.75 -0.53
C HIS C 88 22.71 7.28 -0.16
N LEU C 89 23.24 7.03 1.04
CA LEU C 89 23.42 5.65 1.48
C LEU C 89 22.09 4.98 1.84
N VAL C 90 21.18 5.72 2.50
CA VAL C 90 19.82 5.21 2.70
C VAL C 90 19.19 4.89 1.35
N LEU C 91 19.39 5.76 0.37
CA LEU C 91 18.82 5.50 -0.95
C LEU C 91 19.34 4.20 -1.53
N HIS C 92 20.65 3.95 -1.37
CA HIS C 92 21.23 2.74 -1.92
C HIS C 92 20.68 1.49 -1.24
N LEU C 93 20.66 1.50 0.10
CA LEU C 93 20.09 0.37 0.83
C LEU C 93 18.61 0.17 0.53
N SER C 94 17.87 1.27 0.34
CA SER C 94 16.46 1.15 -0.05
C SER C 94 16.34 0.36 -1.36
N ASN C 95 17.10 0.76 -2.37
CA ASN C 95 17.05 0.07 -3.67
C ASN C 95 17.57 -1.36 -3.57
N LEU C 96 18.58 -1.58 -2.73
CA LEU C 96 19.07 -2.93 -2.50
C LEU C 96 17.95 -3.83 -2.00
N ILE C 97 17.19 -3.36 -1.01
CA ILE C 97 16.08 -4.14 -0.49
C ILE C 97 15.03 -4.34 -1.57
N SER C 98 14.72 -3.27 -2.31
CA SER C 98 13.70 -3.35 -3.35
C SER C 98 14.05 -4.41 -4.40
N ARG C 99 15.30 -4.47 -4.85
CA ARG C 99 15.62 -5.42 -5.91
C ARG C 99 15.66 -6.86 -5.40
N GLU C 100 15.89 -7.06 -4.10
CA GLU C 100 15.68 -8.40 -3.55
C GLU C 100 14.23 -8.83 -3.71
N LEU C 101 13.29 -7.88 -3.58
CA LEU C 101 11.89 -8.25 -3.75
C LEU C 101 11.56 -8.59 -5.20
N ASN C 102 12.34 -8.11 -6.17
CA ASN C 102 12.10 -8.49 -7.56
C ASN C 102 12.36 -9.97 -7.79
N LEU C 103 13.29 -10.55 -7.05
CA LEU C 103 13.48 -12.00 -7.14
C LEU C 103 12.21 -12.78 -6.77
N CYS C 104 11.51 -12.35 -5.70
CA CYS C 104 10.22 -12.94 -5.34
C CYS C 104 9.18 -12.80 -6.45
N ALA C 105 9.02 -11.57 -6.95
CA ALA C 105 8.02 -11.34 -7.99
C ALA C 105 8.28 -12.22 -9.21
N PHE C 106 9.51 -12.17 -9.71
CA PHE C 106 9.87 -12.89 -10.94
C PHE C 106 9.60 -14.37 -10.82
N LEU C 107 9.98 -14.96 -9.70
CA LEU C 107 9.82 -16.39 -9.50
C LEU C 107 8.48 -16.76 -8.87
N ASN C 108 7.61 -15.78 -8.62
CA ASN C 108 6.28 -16.00 -8.03
C ASN C 108 6.37 -16.83 -6.75
N GLN C 109 7.16 -16.31 -5.81
CA GLN C 109 7.50 -17.00 -4.59
C GLN C 109 7.26 -16.08 -3.40
N ASP C 110 7.07 -16.69 -2.23
CA ASP C 110 7.23 -16.02 -0.94
C ASP C 110 6.34 -14.79 -0.81
N HIS C 111 5.05 -14.96 -1.17
CA HIS C 111 4.14 -13.81 -1.24
C HIS C 111 3.95 -13.15 0.12
N SER C 112 3.88 -13.96 1.19
CA SER C 112 3.73 -13.40 2.53
C SER C 112 4.94 -12.56 2.91
N GLY C 113 6.15 -13.09 2.71
CA GLY C 113 7.35 -12.33 3.04
C GLY C 113 7.55 -11.11 2.16
N PHE C 114 7.21 -11.24 0.88
CA PHE C 114 7.22 -10.08 -0.01
C PHE C 114 6.36 -8.95 0.55
N GLN C 115 5.10 -9.28 0.86
CA GLN C 115 4.15 -8.26 1.29
C GLN C 115 4.61 -7.58 2.57
N THR C 116 5.14 -8.35 3.51
CA THR C 116 5.66 -7.76 4.74
C THR C 116 6.87 -6.85 4.46
N TRP C 117 7.83 -7.35 3.67
CA TRP C 117 9.00 -6.54 3.32
C TRP C 117 8.61 -5.33 2.49
N GLU C 118 7.63 -5.51 1.62
CA GLU C 118 7.18 -4.38 0.80
C GLU C 118 6.64 -3.26 1.68
N ARG C 119 5.86 -3.63 2.70
CA ARG C 119 5.31 -2.65 3.63
C ARG C 119 6.41 -1.95 4.41
N ILE C 120 7.43 -2.70 4.82
CA ILE C 120 8.58 -2.11 5.49
C ILE C 120 9.27 -1.12 4.55
N LEU C 121 9.49 -1.53 3.30
CA LEU C 121 10.14 -0.64 2.34
C LEU C 121 9.33 0.65 2.14
N LEU C 122 8.03 0.52 1.93
CA LEU C 122 7.24 1.67 1.52
C LEU C 122 6.82 2.55 2.68
N ASN C 123 6.63 1.98 3.88
CA ASN C 123 6.12 2.76 4.99
C ASN C 123 7.16 3.10 6.05
N ASP C 124 8.20 2.28 6.21
CA ASP C 124 9.20 2.50 7.24
C ASP C 124 10.51 3.06 6.70
N ILE C 125 10.89 2.68 5.49
CA ILE C 125 12.21 3.02 4.97
C ILE C 125 12.13 4.23 4.04
N ILE C 126 11.33 4.12 2.97
CA ILE C 126 11.25 5.22 1.98
C ILE C 126 10.85 6.54 2.59
N PRO C 127 9.90 6.64 3.53
CA PRO C 127 9.56 7.96 4.08
C PRO C 127 10.74 8.68 4.70
N LEU C 128 11.75 7.94 5.18
CA LEU C 128 12.95 8.59 5.71
C LEU C 128 13.67 9.41 4.65
N LEU C 129 13.57 9.03 3.38
CA LEU C 129 14.27 9.70 2.28
C LEU C 129 13.84 11.14 2.10
N ASN C 130 12.72 11.55 2.69
CA ASN C 130 12.26 12.93 2.59
C ASN C 130 11.91 13.44 3.98
N ARG C 131 12.84 13.20 4.91
CA ARG C 131 12.74 13.54 6.32
C ARG C 131 13.61 14.74 6.65
N GLN C 137 24.68 20.99 0.66
CA GLN C 137 24.66 20.65 2.08
C GLN C 137 25.28 19.28 2.35
N THR C 138 25.09 18.36 1.41
CA THR C 138 25.31 16.94 1.62
C THR C 138 26.80 16.63 1.79
N VAL C 139 27.08 15.45 2.37
CA VAL C 139 28.44 15.06 2.71
C VAL C 139 29.31 14.94 1.46
N ARG C 140 28.73 14.44 0.36
CA ARG C 140 29.47 14.42 -0.90
C ARG C 140 29.66 15.82 -1.46
N LYS C 141 28.63 16.67 -1.31
CA LYS C 141 28.71 18.03 -1.86
C LYS C 141 29.96 18.75 -1.37
N LEU C 142 30.24 18.65 -0.06
CA LEU C 142 31.43 19.30 0.49
C LEU C 142 32.71 18.80 -0.17
N ASP C 143 32.79 17.49 -0.44
CA ASP C 143 33.93 16.96 -1.19
C ASP C 143 33.89 17.40 -2.64
N MET C 144 32.69 17.51 -3.21
CA MET C 144 32.56 17.91 -4.62
C MET C 144 33.08 19.31 -4.86
N ASP C 145 32.94 20.21 -3.87
CA ASP C 145 33.37 21.59 -4.05
C ASP C 145 34.87 21.71 -4.30
N PHE C 146 35.67 20.73 -3.89
CA PHE C 146 37.09 20.73 -4.24
C PHE C 146 37.19 20.18 -5.66
N GLU C 147 37.17 21.10 -6.63
CA GLU C 147 37.15 20.76 -8.04
C GLU C 147 38.58 20.83 -8.57
N VAL C 148 39.15 19.69 -8.92
CA VAL C 148 40.44 19.65 -9.58
C VAL C 148 40.34 18.86 -10.87
N ARG D 8 -39.27 2.32 -15.25
CA ARG D 8 -38.80 2.43 -13.88
C ARG D 8 -38.25 3.83 -13.64
N LYS D 9 -38.47 4.37 -12.45
CA LYS D 9 -38.12 5.76 -12.17
C LYS D 9 -36.63 5.89 -11.87
N ARG D 10 -36.11 7.11 -12.08
CA ARG D 10 -34.74 7.44 -11.72
C ARG D 10 -34.72 7.99 -10.30
N PHE D 11 -33.92 7.38 -9.43
CA PHE D 11 -33.79 7.86 -8.06
C PHE D 11 -32.74 8.96 -7.94
N PHE D 12 -31.68 8.91 -8.75
CA PHE D 12 -30.61 9.89 -8.70
C PHE D 12 -30.72 10.85 -9.88
N ASN D 13 -30.06 12.00 -9.73
CA ASN D 13 -30.03 13.05 -10.75
C ASN D 13 -28.65 13.01 -11.41
N ASP D 14 -28.62 12.68 -12.69
CA ASP D 14 -27.36 12.56 -13.42
C ASP D 14 -26.59 13.88 -13.49
N ASP D 15 -27.28 15.02 -13.33
CA ASP D 15 -26.67 16.30 -13.68
C ASP D 15 -25.58 16.75 -12.72
N LEU D 16 -25.38 16.08 -11.59
CA LEU D 16 -24.25 16.40 -10.71
C LEU D 16 -23.75 15.16 -9.97
N SER D 37 -12.85 14.30 -0.03
CA SER D 37 -13.54 13.13 -0.56
C SER D 37 -14.45 13.55 -1.71
N PRO D 38 -14.61 12.68 -2.71
CA PRO D 38 -15.52 12.99 -3.83
C PRO D 38 -16.95 13.18 -3.34
N LYS D 39 -17.65 14.07 -4.02
CA LYS D 39 -19.05 14.35 -3.72
C LYS D 39 -19.94 13.33 -4.40
N PHE D 40 -21.07 13.02 -3.80
CA PHE D 40 -22.08 12.21 -4.46
C PHE D 40 -23.41 12.95 -4.39
N GLN D 41 -24.00 13.19 -5.56
CA GLN D 41 -25.30 13.86 -5.66
C GLN D 41 -25.30 15.16 -4.85
N ASN D 42 -24.24 15.94 -5.00
CA ASN D 42 -24.09 17.26 -4.36
C ASN D 42 -23.93 17.17 -2.85
N LEU D 43 -23.71 15.98 -2.30
CA LEU D 43 -23.50 15.79 -0.88
C LEU D 43 -22.02 15.57 -0.62
N THR D 44 -21.52 16.13 0.48
CA THR D 44 -20.12 15.95 0.84
C THR D 44 -19.90 15.16 2.12
N ARG D 45 -20.75 15.33 3.12
CA ARG D 45 -20.55 14.59 4.36
C ARG D 45 -20.92 13.13 4.17
N PHE D 46 -20.07 12.23 4.69
CA PHE D 46 -20.24 10.81 4.42
C PHE D 46 -21.51 10.23 5.04
N LYS D 47 -21.92 10.71 6.21
CA LYS D 47 -23.15 10.18 6.80
C LYS D 47 -24.37 10.55 5.97
N LYS D 48 -24.34 11.68 5.27
CA LYS D 48 -25.45 12.04 4.39
C LYS D 48 -25.47 11.17 3.14
N ILE D 49 -24.30 10.88 2.59
CA ILE D 49 -24.21 9.94 1.48
C ILE D 49 -24.75 8.59 1.91
N CYS D 50 -24.32 8.10 3.08
CA CYS D 50 -24.84 6.83 3.58
C CYS D 50 -26.37 6.88 3.73
N GLN D 51 -26.89 8.00 4.26
CA GLN D 51 -28.33 8.14 4.41
C GLN D 51 -29.06 8.06 3.08
N LEU D 52 -28.50 8.69 2.05
CA LEU D 52 -29.10 8.66 0.73
C LEU D 52 -29.09 7.26 0.15
N VAL D 53 -27.97 6.54 0.32
CA VAL D 53 -27.87 5.18 -0.21
C VAL D 53 -28.88 4.27 0.50
N LYS D 54 -29.00 4.42 1.82
CA LYS D 54 -30.00 3.68 2.60
C LYS D 54 -31.40 3.90 2.06
N GLN D 55 -31.76 5.16 1.77
CA GLN D 55 -33.07 5.46 1.21
C GLN D 55 -33.26 4.77 -0.14
N TRP D 56 -32.24 4.89 -1.00
CA TRP D 56 -32.28 4.33 -2.35
C TRP D 56 -32.60 2.84 -2.31
N VAL D 57 -31.79 2.07 -1.58
CA VAL D 57 -32.02 0.64 -1.42
C VAL D 57 -33.43 0.40 -0.91
N ALA D 58 -33.79 1.06 0.19
CA ALA D 58 -35.08 0.80 0.82
C ALA D 58 -36.25 1.11 -0.09
N GLU D 59 -36.17 2.21 -0.85
CA GLU D 59 -37.32 2.58 -1.68
C GLU D 59 -37.40 1.81 -2.98
N THR D 60 -36.32 1.17 -3.42
CA THR D 60 -36.37 0.45 -4.69
C THR D 60 -36.60 -1.04 -4.52
N LEU D 61 -36.40 -1.58 -3.31
CA LEU D 61 -36.69 -3.00 -3.10
C LEU D 61 -38.10 -3.34 -3.55
N GLY D 62 -39.07 -2.49 -3.22
CA GLY D 62 -40.44 -2.76 -3.58
C GLY D 62 -40.73 -2.63 -5.04
N ASP D 63 -39.79 -2.09 -5.82
CA ASP D 63 -39.89 -1.98 -7.27
C ASP D 63 -39.19 -3.11 -7.99
N GLY D 64 -38.58 -4.04 -7.26
CA GLY D 64 -37.79 -5.08 -7.87
C GLY D 64 -36.33 -4.77 -8.03
N GLY D 65 -35.84 -3.70 -7.40
CA GLY D 65 -34.46 -3.32 -7.57
C GLY D 65 -34.33 -1.96 -8.22
N PRO D 66 -33.11 -1.43 -8.26
CA PRO D 66 -32.92 -0.05 -8.70
C PRO D 66 -32.89 0.05 -10.21
N HIS D 67 -32.92 1.29 -10.69
CA HIS D 67 -32.74 1.57 -12.10
C HIS D 67 -31.27 1.37 -12.48
N GLU D 68 -31.03 0.62 -13.56
CA GLU D 68 -29.65 0.31 -13.97
C GLU D 68 -28.81 1.56 -14.16
N LYS D 69 -29.41 2.68 -14.58
CA LYS D 69 -28.63 3.91 -14.71
C LYS D 69 -28.25 4.48 -13.33
N ASP D 70 -29.12 4.33 -12.33
CA ASP D 70 -28.73 4.77 -11.00
C ASP D 70 -27.57 3.94 -10.47
N VAL D 71 -27.59 2.62 -10.73
CA VAL D 71 -26.47 1.76 -10.36
C VAL D 71 -25.19 2.27 -11.03
N LYS D 72 -25.26 2.58 -12.33
CA LYS D 72 -24.06 3.04 -13.04
C LYS D 72 -23.52 4.33 -12.44
N LEU D 73 -24.40 5.26 -12.09
CA LEU D 73 -23.97 6.53 -11.49
C LEU D 73 -23.33 6.31 -10.12
N PHE D 74 -23.89 5.40 -9.33
CA PHE D 74 -23.30 5.07 -8.04
C PHE D 74 -21.95 4.37 -8.20
N VAL D 75 -21.84 3.46 -9.18
CA VAL D 75 -20.56 2.82 -9.48
C VAL D 75 -19.49 3.86 -9.83
N LYS D 76 -19.84 4.87 -10.60
CA LYS D 76 -18.85 5.89 -10.94
C LYS D 76 -18.38 6.64 -9.69
N TYR D 77 -19.28 6.86 -8.72
CA TYR D 77 -18.86 7.45 -7.46
C TYR D 77 -17.93 6.51 -6.69
N LEU D 78 -18.26 5.22 -6.67
CA LEU D 78 -17.41 4.26 -5.96
C LEU D 78 -16.01 4.21 -6.57
N ILE D 79 -15.92 4.34 -7.90
CA ILE D 79 -14.61 4.32 -8.54
C ILE D 79 -13.80 5.55 -8.15
N LYS D 80 -14.47 6.71 -8.01
CA LYS D 80 -13.77 7.90 -7.53
C LYS D 80 -13.22 7.67 -6.13
N LEU D 81 -13.99 6.98 -5.29
CA LEU D 81 -13.51 6.62 -3.96
C LEU D 81 -12.27 5.74 -4.06
N CYS D 82 -12.33 4.70 -4.91
CA CYS D 82 -11.22 3.78 -5.04
C CYS D 82 -9.96 4.51 -5.47
N ASP D 83 -10.09 5.44 -6.42
CA ASP D 83 -8.93 6.14 -6.97
C ASP D 83 -8.47 7.30 -6.12
N SER D 84 -9.16 7.59 -5.01
CA SER D 84 -8.72 8.60 -4.07
C SER D 84 -8.37 7.97 -2.73
N ASN D 85 -7.96 6.69 -2.77
CA ASN D 85 -7.48 5.96 -1.60
C ASN D 85 -8.53 5.84 -0.50
N ARG D 86 -9.78 5.72 -0.91
CA ARG D 86 -10.89 5.60 0.05
C ARG D 86 -11.66 4.31 -0.16
N VAL D 87 -10.95 3.19 -0.39
CA VAL D 87 -11.61 1.91 -0.51
C VAL D 87 -12.35 1.54 0.76
N HIS D 88 -11.89 2.03 1.92
CA HIS D 88 -12.57 1.75 3.19
C HIS D 88 -13.96 2.37 3.23
N LEU D 89 -14.20 3.45 2.47
CA LEU D 89 -15.53 4.00 2.35
C LEU D 89 -16.38 3.18 1.39
N VAL D 90 -15.77 2.64 0.33
CA VAL D 90 -16.45 1.64 -0.50
C VAL D 90 -16.83 0.44 0.34
N LEU D 91 -15.90 0.00 1.21
CA LEU D 91 -16.18 -1.13 2.09
C LEU D 91 -17.39 -0.86 2.99
N HIS D 92 -17.44 0.34 3.59
CA HIS D 92 -18.55 0.68 4.48
C HIS D 92 -19.88 0.73 3.73
N LEU D 93 -19.91 1.42 2.59
CA LEU D 93 -21.14 1.47 1.80
C LEU D 93 -21.58 0.07 1.37
N SER D 94 -20.62 -0.77 0.99
CA SER D 94 -20.95 -2.12 0.57
C SER D 94 -21.64 -2.88 1.70
N ASN D 95 -21.11 -2.75 2.91
CA ASN D 95 -21.67 -3.48 4.04
C ASN D 95 -23.01 -2.89 4.45
N LEU D 96 -23.16 -1.57 4.28
CA LEU D 96 -24.44 -0.93 4.57
C LEU D 96 -25.55 -1.51 3.71
N ILE D 97 -25.33 -1.55 2.39
CA ILE D 97 -26.28 -2.18 1.47
C ILE D 97 -26.50 -3.65 1.83
N SER D 98 -25.41 -4.39 2.06
CA SER D 98 -25.52 -5.79 2.44
C SER D 98 -26.44 -6.00 3.65
N ARG D 99 -26.23 -5.19 4.69
CA ARG D 99 -27.00 -5.36 5.92
C ARG D 99 -28.45 -4.99 5.73
N GLU D 100 -28.73 -3.95 4.95
CA GLU D 100 -30.11 -3.58 4.65
C GLU D 100 -30.86 -4.71 3.95
N LEU D 101 -30.16 -5.59 3.24
CA LEU D 101 -30.84 -6.71 2.59
C LEU D 101 -31.29 -7.79 3.56
N ASN D 102 -30.95 -7.64 4.84
CA ASN D 102 -31.49 -8.51 5.88
C ASN D 102 -32.94 -8.19 6.19
N LEU D 103 -33.54 -7.20 5.52
CA LEU D 103 -34.88 -6.73 5.86
C LEU D 103 -35.98 -7.48 5.11
N CYS D 104 -35.73 -8.70 4.65
CA CYS D 104 -36.68 -9.40 3.80
C CYS D 104 -37.99 -9.73 4.52
N ALA D 105 -37.99 -9.87 5.85
CA ALA D 105 -39.25 -10.12 6.55
C ALA D 105 -40.06 -8.86 6.83
N PHE D 106 -39.54 -7.67 6.53
CA PHE D 106 -40.26 -6.44 6.86
C PHE D 106 -40.77 -5.66 5.65
N LEU D 107 -40.13 -5.78 4.48
CA LEU D 107 -40.47 -4.93 3.35
C LEU D 107 -41.03 -5.77 2.21
N ASN D 108 -42.04 -5.22 1.52
CA ASN D 108 -42.54 -5.82 0.28
C ASN D 108 -41.48 -5.77 -0.82
N GLN D 109 -41.61 -6.70 -1.75
CA GLN D 109 -40.77 -6.76 -2.94
C GLN D 109 -41.60 -7.31 -4.11
N ASP D 110 -41.51 -6.62 -5.24
CA ASP D 110 -41.98 -7.17 -6.50
C ASP D 110 -40.72 -7.48 -7.30
N HIS D 111 -40.84 -8.36 -8.30
CA HIS D 111 -39.74 -8.75 -9.17
C HIS D 111 -38.53 -9.29 -8.39
N SER D 112 -38.74 -9.71 -7.14
CA SER D 112 -37.65 -10.23 -6.31
C SER D 112 -36.56 -9.16 -6.10
N GLY D 113 -37.00 -8.04 -5.53
CA GLY D 113 -36.10 -6.92 -5.30
C GLY D 113 -34.91 -7.24 -4.43
N PHE D 114 -35.10 -8.11 -3.42
CA PHE D 114 -33.98 -8.42 -2.54
C PHE D 114 -32.92 -9.23 -3.27
N GLN D 115 -33.34 -10.25 -4.03
CA GLN D 115 -32.39 -11.00 -4.84
C GLN D 115 -31.71 -10.09 -5.85
N THR D 116 -32.48 -9.19 -6.47
CA THR D 116 -31.92 -8.31 -7.50
C THR D 116 -30.86 -7.39 -6.91
N TRP D 117 -31.14 -6.77 -5.76
CA TRP D 117 -30.12 -5.96 -5.10
C TRP D 117 -28.91 -6.80 -4.72
N GLU D 118 -29.13 -8.04 -4.26
CA GLU D 118 -27.99 -8.84 -3.82
C GLU D 118 -27.08 -9.17 -5.00
N ARG D 119 -27.67 -9.50 -6.15
CA ARG D 119 -26.89 -9.68 -7.36
C ARG D 119 -26.08 -8.43 -7.67
N ILE D 120 -26.72 -7.26 -7.60
CA ILE D 120 -26.01 -6.00 -7.89
C ILE D 120 -24.86 -5.80 -6.91
N LEU D 121 -25.12 -6.03 -5.62
CA LEU D 121 -24.06 -5.94 -4.62
C LEU D 121 -22.88 -6.85 -4.98
N LEU D 122 -23.18 -8.11 -5.30
CA LEU D 122 -22.11 -9.08 -5.53
C LEU D 122 -21.41 -8.89 -6.86
N ASN D 123 -22.07 -8.30 -7.85
CA ASN D 123 -21.55 -8.22 -9.21
C ASN D 123 -21.06 -6.84 -9.60
N ASP D 124 -21.72 -5.78 -9.12
CA ASP D 124 -21.38 -4.42 -9.47
C ASP D 124 -20.64 -3.66 -8.39
N ILE D 125 -20.85 -4.00 -7.12
CA ILE D 125 -20.33 -3.18 -6.03
C ILE D 125 -19.09 -3.81 -5.41
N ILE D 126 -19.26 -4.97 -4.77
CA ILE D 126 -18.17 -5.66 -4.08
C ILE D 126 -16.93 -5.88 -4.94
N PRO D 127 -17.02 -6.19 -6.24
CA PRO D 127 -15.78 -6.39 -7.02
C PRO D 127 -14.92 -5.15 -7.13
N LEU D 128 -15.49 -3.95 -6.89
CA LEU D 128 -14.69 -2.73 -6.84
C LEU D 128 -13.74 -2.70 -5.66
N LEU D 129 -13.96 -3.52 -4.64
CA LEU D 129 -13.06 -3.57 -3.50
C LEU D 129 -11.68 -4.06 -3.87
N ASN D 130 -11.55 -4.75 -5.00
CA ASN D 130 -10.27 -5.29 -5.42
C ASN D 130 -9.84 -4.72 -6.76
N ARG D 131 -10.50 -3.63 -7.18
CA ARG D 131 -10.12 -2.92 -8.39
C ARG D 131 -8.67 -2.48 -8.33
N ASN D 132 -8.24 -1.93 -7.20
CA ASN D 132 -6.89 -1.41 -7.03
C ASN D 132 -6.11 -2.32 -6.08
N LYS D 133 -4.90 -2.68 -6.47
CA LYS D 133 -4.06 -3.53 -5.63
C LYS D 133 -3.33 -2.63 -4.63
N HIS D 134 -3.02 -3.19 -3.46
CA HIS D 134 -2.19 -2.51 -2.47
C HIS D 134 -0.90 -3.26 -2.20
N THR D 135 -0.56 -4.21 -3.08
CA THR D 135 0.73 -4.86 -3.12
C THR D 135 1.09 -4.96 -4.60
N TYR D 136 2.38 -4.85 -4.89
CA TYR D 136 2.82 -4.65 -6.26
C TYR D 136 3.74 -5.76 -6.74
N GLN D 137 3.58 -6.96 -6.18
CA GLN D 137 4.33 -8.11 -6.67
C GLN D 137 4.02 -8.39 -8.13
N THR D 138 2.75 -8.29 -8.53
CA THR D 138 2.38 -8.57 -9.92
C THR D 138 2.93 -7.52 -10.88
N VAL D 139 2.97 -6.26 -10.44
CA VAL D 139 3.59 -5.19 -11.24
C VAL D 139 5.07 -5.47 -11.49
N ARG D 140 5.83 -5.80 -10.43
CA ARG D 140 7.24 -6.15 -10.62
C ARG D 140 7.40 -7.34 -11.55
N LYS D 141 6.55 -8.35 -11.41
CA LYS D 141 6.65 -9.51 -12.29
C LYS D 141 6.36 -9.14 -13.73
N LEU D 142 5.29 -8.37 -13.96
CA LEU D 142 4.91 -7.95 -15.30
C LEU D 142 6.06 -7.23 -15.99
N ASP D 143 6.66 -6.26 -15.31
CA ASP D 143 7.77 -5.50 -15.90
C ASP D 143 8.95 -6.41 -16.24
N MET D 144 9.28 -7.34 -15.34
CA MET D 144 10.38 -8.27 -15.61
C MET D 144 10.07 -9.21 -16.77
N ASP D 145 8.87 -9.78 -16.81
CA ASP D 145 8.51 -10.63 -17.93
C ASP D 145 8.57 -9.88 -19.25
N PHE D 146 8.20 -8.59 -19.24
CA PHE D 146 8.33 -7.75 -20.42
C PHE D 146 9.79 -7.48 -20.76
N GLU D 147 10.68 -7.53 -19.78
CA GLU D 147 12.07 -7.14 -19.98
C GLU D 147 12.87 -8.22 -20.71
N VAL D 148 12.63 -9.49 -20.40
CA VAL D 148 13.47 -10.55 -20.97
C VAL D 148 13.23 -10.64 -22.48
#